data_6UAE
#
_entry.id   6UAE
#
_cell.length_a   73.012
_cell.length_b   209.997
_cell.length_c   39.639
_cell.angle_alpha   90.00
_cell.angle_beta   90.00
_cell.angle_gamma   90.00
#
_symmetry.space_group_name_H-M   'P 21 21 2'
#
loop_
_entity.id
_entity.type
_entity.pdbx_description
1 polymer 'Ketosteroid isomerase with designed loop'
2 non-polymer 'SULFATE ION'
3 non-polymer '(3ALPHA,5BETA,12ALPHA)-3,12-DIHYDROXYCHOLAN-24-OIC ACID'
4 non-polymer EQUILENIN
5 water water
#
_entity_poly.entity_id   1
_entity_poly.type   'polypeptide(L)'
_entity_poly.pdbx_seq_one_letter_code
;MNTPEHMTAVVQRYVAALNAGDLDGIVALFADDATVYETSQDRTYTGTAAIREFYANSLKLPLAVELTQEVRANRNEAAF
AFTVSFEYQGRKTVVAPIDHFRFNGAGKVVSMRALFGEKNIHAGAGS
;
_entity_poly.pdbx_strand_id   A,B,C,D
#
# COMPACT_ATOMS: atom_id res chain seq x y z
N MET A 1 2.38 -21.74 23.69
CA MET A 1 1.32 -22.02 24.70
C MET A 1 -0.05 -21.59 24.18
N ASN A 2 -1.06 -22.41 24.44
CA ASN A 2 -2.38 -22.19 23.88
C ASN A 2 -3.44 -22.84 24.76
N THR A 3 -4.23 -22.01 25.44
CA THR A 3 -5.29 -22.43 26.36
C THR A 3 -6.64 -21.97 25.83
N PRO A 4 -7.74 -22.54 26.35
CA PRO A 4 -9.06 -22.03 25.95
C PRO A 4 -9.29 -20.59 26.37
N GLU A 5 -8.81 -20.17 27.53
CA GLU A 5 -8.90 -18.77 27.88
C GLU A 5 -8.15 -17.90 26.87
N HIS A 6 -6.99 -18.35 26.41
CA HIS A 6 -6.25 -17.54 25.43
C HIS A 6 -7.01 -17.47 24.10
N MET A 7 -7.53 -18.61 23.63
CA MET A 7 -8.27 -18.62 22.36
C MET A 7 -9.50 -17.72 22.44
N THR A 8 -10.20 -17.74 23.58
CA THR A 8 -11.35 -16.85 23.78
C THR A 8 -10.92 -15.39 23.72
N ALA A 9 -9.81 -15.05 24.39
CA ALA A 9 -9.31 -13.69 24.31
C ALA A 9 -9.02 -13.30 22.86
N VAL A 10 -8.45 -14.23 22.09
CA VAL A 10 -8.14 -13.94 20.69
C VAL A 10 -9.40 -13.67 19.89
N VAL A 11 -10.44 -14.47 20.09
CA VAL A 11 -11.71 -14.19 19.41
C VAL A 11 -12.21 -12.80 19.77
N GLN A 12 -12.10 -12.43 21.06
CA GLN A 12 -12.55 -11.11 21.47
C GLN A 12 -11.73 -10.02 20.81
N ARG A 13 -10.41 -10.20 20.72
CA ARG A 13 -9.56 -9.21 20.08
C ARG A 13 -9.88 -9.09 18.58
N TYR A 14 -10.20 -10.22 17.93
CA TYR A 14 -10.57 -10.21 16.52
C TYR A 14 -11.80 -9.37 16.28
N VAL A 15 -12.85 -9.64 17.06
CA VAL A 15 -14.07 -8.84 16.99
C VAL A 15 -13.77 -7.37 17.27
N ALA A 16 -12.93 -7.09 18.27
CA ALA A 16 -12.63 -5.69 18.58
C ALA A 16 -11.87 -5.02 17.43
N ALA A 17 -10.94 -5.75 16.80
CA ALA A 17 -10.16 -5.16 15.72
C ALA A 17 -11.03 -4.89 14.49
N LEU A 18 -11.91 -5.83 14.13
CA LEU A 18 -12.88 -5.59 13.06
C LEU A 18 -13.68 -4.33 13.35
N ASN A 19 -14.20 -4.22 14.57
CA ASN A 19 -14.99 -3.08 14.99
C ASN A 19 -14.22 -1.77 14.86
N ALA A 20 -12.92 -1.81 15.09
CA ALA A 20 -12.10 -0.61 15.09
C ALA A 20 -11.39 -0.39 13.76
N GLY A 21 -11.66 -1.22 12.76
CA GLY A 21 -10.86 -1.13 11.55
C GLY A 21 -9.37 -1.18 11.83
N ASP A 22 -8.96 -2.04 12.76
CA ASP A 22 -7.57 -2.17 13.19
C ASP A 22 -6.97 -3.32 12.38
N LEU A 23 -6.44 -2.98 11.20
CA LEU A 23 -5.97 -4.02 10.29
C LEU A 23 -4.73 -4.71 10.82
N ASP A 24 -3.76 -3.96 11.36
CA ASP A 24 -2.60 -4.59 11.97
C ASP A 24 -3.01 -5.52 13.10
N GLY A 25 -4.01 -5.13 13.87
CA GLY A 25 -4.43 -5.93 15.01
C GLY A 25 -5.07 -7.24 14.58
N ILE A 26 -5.80 -7.23 13.47
CA ILE A 26 -6.35 -8.47 12.94
C ILE A 26 -5.23 -9.40 12.50
N VAL A 27 -4.35 -8.90 11.65
CA VAL A 27 -3.36 -9.77 11.01
C VAL A 27 -2.41 -10.34 12.05
N ALA A 28 -2.15 -9.61 13.13
CA ALA A 28 -1.23 -10.06 14.17
C ALA A 28 -1.72 -11.30 14.89
N LEU A 29 -3.02 -11.64 14.78
CA LEU A 29 -3.53 -12.82 15.45
C LEU A 29 -3.14 -14.11 14.72
N PHE A 30 -2.68 -14.01 13.48
CA PHE A 30 -2.49 -15.18 12.62
C PHE A 30 -1.04 -15.61 12.55
N ALA A 31 -0.84 -16.91 12.39
CA ALA A 31 0.49 -17.43 12.12
C ALA A 31 0.98 -16.96 10.75
N ASP A 32 2.30 -17.00 10.57
CA ASP A 32 2.90 -16.56 9.31
C ASP A 32 2.34 -17.33 8.11
N ASP A 33 2.02 -18.62 8.30
CA ASP A 33 1.60 -19.50 7.21
C ASP A 33 0.14 -19.92 7.37
N ALA A 34 -0.65 -19.07 8.01
CA ALA A 34 -2.05 -19.37 8.27
C ALA A 34 -2.86 -19.35 6.99
N THR A 35 -4.02 -20.01 7.04
CA THR A 35 -5.01 -19.90 5.98
C THR A 35 -6.29 -19.28 6.51
N VAL A 36 -6.91 -18.48 5.65
CA VAL A 36 -8.25 -17.93 5.87
C VAL A 36 -9.10 -18.42 4.72
N TYR A 37 -10.20 -19.09 5.03
CA TYR A 37 -11.14 -19.54 4.02
C TYR A 37 -12.48 -18.86 4.23
N GLU A 38 -13.07 -18.36 3.16
N GLU A 38 -13.05 -18.37 3.14
CA GLU A 38 -14.39 -17.76 3.23
CA GLU A 38 -14.37 -17.74 3.13
C GLU A 38 -15.30 -18.47 2.23
C GLU A 38 -15.30 -18.50 2.21
N THR A 39 -16.46 -18.92 2.74
CA THR A 39 -17.39 -19.70 1.93
C THR A 39 -18.05 -18.89 0.83
N SER A 40 -18.13 -17.57 0.97
N SER A 40 -18.15 -17.57 0.96
CA SER A 40 -18.91 -16.78 0.02
CA SER A 40 -18.92 -16.78 0.01
C SER A 40 -18.36 -16.89 -1.39
C SER A 40 -18.37 -16.91 -1.40
N GLN A 41 -17.07 -16.68 -1.55
CA GLN A 41 -16.40 -16.82 -2.84
C GLN A 41 -15.56 -18.08 -2.90
N ASP A 42 -15.53 -18.86 -1.82
CA ASP A 42 -14.84 -20.14 -1.81
C ASP A 42 -13.34 -19.96 -2.02
N ARG A 43 -12.79 -18.88 -1.48
CA ARG A 43 -11.37 -18.61 -1.65
C ARG A 43 -10.59 -18.86 -0.36
N THR A 44 -9.35 -19.30 -0.53
CA THR A 44 -8.42 -19.51 0.58
C THR A 44 -7.25 -18.55 0.43
N TYR A 45 -6.98 -17.82 1.50
CA TYR A 45 -5.88 -16.87 1.57
C TYR A 45 -4.81 -17.45 2.47
N THR A 46 -3.63 -17.68 1.91
CA THR A 46 -2.54 -18.32 2.64
C THR A 46 -1.41 -17.35 2.88
N GLY A 47 -1.03 -17.19 4.15
CA GLY A 47 0.08 -16.37 4.54
C GLY A 47 -0.31 -14.93 4.81
N THR A 48 0.64 -14.21 5.42
CA THR A 48 0.36 -12.88 5.94
C THR A 48 -0.14 -11.92 4.85
N ALA A 49 0.54 -11.86 3.71
CA ALA A 49 0.19 -10.85 2.73
C ALA A 49 -1.21 -11.09 2.17
N ALA A 50 -1.55 -12.33 1.86
CA ALA A 50 -2.88 -12.61 1.32
C ALA A 50 -3.96 -12.34 2.37
N ILE A 51 -3.68 -12.66 3.62
CA ILE A 51 -4.64 -12.43 4.69
C ILE A 51 -4.86 -10.94 4.92
N ARG A 52 -3.76 -10.17 4.98
CA ARG A 52 -3.88 -8.72 5.13
C ARG A 52 -4.65 -8.10 3.96
N GLU A 53 -4.39 -8.57 2.74
N GLU A 53 -4.39 -8.57 2.74
CA GLU A 53 -5.14 -8.02 1.60
CA GLU A 53 -5.09 -8.05 1.57
C GLU A 53 -6.62 -8.34 1.72
C GLU A 53 -6.59 -8.37 1.65
N PHE A 54 -6.95 -9.57 2.13
CA PHE A 54 -8.35 -9.91 2.35
C PHE A 54 -9.01 -9.01 3.39
N TYR A 55 -8.37 -8.83 4.56
CA TYR A 55 -9.02 -8.01 5.58
C TYR A 55 -9.02 -6.54 5.19
N ALA A 56 -8.04 -6.07 4.42
CA ALA A 56 -8.09 -4.68 3.94
C ALA A 56 -9.30 -4.47 3.05
N ASN A 57 -9.57 -5.41 2.14
CA ASN A 57 -10.75 -5.32 1.29
C ASN A 57 -12.03 -5.39 2.12
N SER A 58 -12.03 -6.23 3.15
CA SER A 58 -13.20 -6.44 4.00
C SER A 58 -13.48 -5.26 4.92
N LEU A 59 -12.54 -4.33 5.07
CA LEU A 59 -12.73 -3.19 5.97
C LEU A 59 -13.07 -1.92 5.22
N LYS A 60 -13.29 -2.00 3.90
CA LYS A 60 -13.55 -0.80 3.11
C LYS A 60 -14.79 -0.07 3.62
N LEU A 61 -15.76 -0.82 4.17
CA LEU A 61 -16.94 -0.32 4.84
C LEU A 61 -16.79 -0.43 6.34
N PRO A 62 -17.21 0.58 7.10
CA PRO A 62 -17.19 0.46 8.57
C PRO A 62 -18.06 -0.69 9.02
N LEU A 63 -17.52 -1.51 9.93
CA LEU A 63 -18.19 -2.69 10.43
C LEU A 63 -18.55 -2.52 11.90
N ALA A 64 -19.77 -2.91 12.26
CA ALA A 64 -20.16 -3.08 13.66
C ALA A 64 -20.29 -4.58 13.91
N VAL A 65 -19.41 -5.12 14.75
CA VAL A 65 -19.29 -6.55 14.96
C VAL A 65 -19.49 -6.85 16.44
N GLU A 66 -20.24 -7.91 16.75
CA GLU A 66 -20.39 -8.34 18.13
C GLU A 66 -20.67 -9.84 18.22
N LEU A 67 -20.07 -10.47 19.23
CA LEU A 67 -20.42 -11.83 19.59
C LEU A 67 -21.87 -11.89 20.07
N THR A 68 -22.59 -12.91 19.65
CA THR A 68 -23.98 -13.06 20.08
C THR A 68 -24.19 -14.24 21.01
N GLN A 69 -23.12 -15.00 21.29
CA GLN A 69 -23.16 -16.10 22.24
C GLN A 69 -21.76 -16.29 22.82
N GLU A 70 -21.68 -17.11 23.86
CA GLU A 70 -20.39 -17.51 24.39
C GLU A 70 -19.53 -18.17 23.32
N VAL A 71 -18.21 -17.91 23.41
CA VAL A 71 -17.24 -18.59 22.56
C VAL A 71 -17.14 -20.04 23.00
N ARG A 72 -16.98 -20.94 22.03
CA ARG A 72 -16.69 -22.34 22.29
C ARG A 72 -15.20 -22.57 22.04
N ALA A 73 -14.48 -22.98 23.09
CA ALA A 73 -13.02 -23.16 22.98
C ALA A 73 -12.59 -24.41 23.74
N ASN A 74 -11.80 -25.26 23.07
CA ASN A 74 -11.26 -26.46 23.70
C ASN A 74 -10.05 -26.95 22.90
N ARG A 75 -9.07 -27.49 23.61
N ARG A 75 -9.07 -27.48 23.61
CA ARG A 75 -7.82 -27.96 23.02
CA ARG A 75 -7.87 -28.02 22.98
C ARG A 75 -7.26 -26.87 22.12
C ARG A 75 -7.20 -26.95 22.12
N ASN A 76 -7.27 -27.06 20.81
CA ASN A 76 -6.65 -26.09 19.92
C ASN A 76 -7.62 -25.45 18.93
N GLU A 77 -8.90 -25.39 19.28
CA GLU A 77 -9.87 -24.77 18.39
C GLU A 77 -10.87 -23.94 19.16
N ALA A 78 -11.42 -22.96 18.47
CA ALA A 78 -12.46 -22.09 18.98
C ALA A 78 -13.47 -21.89 17.86
N ALA A 79 -14.73 -21.74 18.24
CA ALA A 79 -15.77 -21.38 17.29
C ALA A 79 -16.67 -20.34 17.94
N PHE A 80 -17.25 -19.48 17.12
CA PHE A 80 -18.06 -18.41 17.68
C PHE A 80 -19.14 -17.95 16.72
N ALA A 81 -20.26 -17.51 17.30
CA ALA A 81 -21.39 -16.96 16.57
C ALA A 81 -21.38 -15.44 16.73
N PHE A 82 -21.64 -14.71 15.66
CA PHE A 82 -21.56 -13.26 15.76
C PHE A 82 -22.37 -12.61 14.63
N THR A 83 -22.44 -11.29 14.68
CA THR A 83 -23.01 -10.48 13.62
C THR A 83 -22.00 -9.43 13.15
N VAL A 84 -22.08 -9.12 11.85
CA VAL A 84 -21.38 -8.02 11.22
C VAL A 84 -22.43 -7.14 10.57
N SER A 85 -22.49 -5.88 10.98
CA SER A 85 -23.48 -4.94 10.46
C SER A 85 -22.79 -3.82 9.70
N PHE A 86 -23.38 -3.44 8.58
CA PHE A 86 -22.80 -2.43 7.70
C PHE A 86 -23.87 -1.92 6.76
N GLU A 87 -23.56 -0.83 6.07
CA GLU A 87 -24.39 -0.31 4.99
C GLU A 87 -23.95 -0.90 3.65
N TYR A 88 -24.89 -1.51 2.93
CA TYR A 88 -24.57 -2.12 1.64
C TYR A 88 -25.74 -1.97 0.68
N GLN A 89 -25.45 -1.55 -0.55
CA GLN A 89 -26.49 -1.35 -1.55
C GLN A 89 -27.57 -0.42 -1.00
N GLY A 90 -27.14 0.59 -0.25
CA GLY A 90 -28.02 1.63 0.24
C GLY A 90 -28.90 1.29 1.42
N ARG A 91 -28.65 0.16 2.10
N ARG A 91 -28.65 0.16 2.09
CA ARG A 91 -29.47 -0.20 3.24
CA ARG A 91 -29.46 -0.26 3.22
C ARG A 91 -28.62 -0.90 4.29
C ARG A 91 -28.60 -0.89 4.30
N LYS A 92 -29.04 -0.77 5.54
CA LYS A 92 -28.34 -1.43 6.64
C LYS A 92 -28.55 -2.94 6.53
N THR A 93 -27.46 -3.68 6.71
CA THR A 93 -27.41 -5.11 6.49
C THR A 93 -26.71 -5.78 7.66
N VAL A 94 -27.19 -6.96 8.04
CA VAL A 94 -26.61 -7.73 9.15
C VAL A 94 -26.34 -9.13 8.64
N VAL A 95 -25.08 -9.56 8.71
CA VAL A 95 -24.66 -10.91 8.35
C VAL A 95 -24.34 -11.65 9.63
N ALA A 96 -24.86 -12.88 9.78
CA ALA A 96 -24.69 -13.64 11.01
C ALA A 96 -23.88 -14.91 10.74
N PRO A 97 -22.55 -14.86 10.83
CA PRO A 97 -21.76 -16.06 10.55
C PRO A 97 -21.47 -16.88 11.80
N ILE A 98 -20.91 -18.06 11.57
CA ILE A 98 -20.16 -18.80 12.55
C ILE A 98 -18.75 -18.96 11.99
N ASP A 99 -17.75 -18.61 12.80
CA ASP A 99 -16.35 -18.78 12.42
C ASP A 99 -15.72 -19.89 13.25
N HIS A 100 -14.71 -20.54 12.69
CA HIS A 100 -13.91 -21.53 13.40
C HIS A 100 -12.45 -21.15 13.26
N PHE A 101 -11.75 -21.11 14.40
CA PHE A 101 -10.31 -20.89 14.47
C PHE A 101 -9.64 -22.20 14.92
N ARG A 102 -8.55 -22.57 14.26
CA ARG A 102 -7.61 -23.56 14.81
C ARG A 102 -6.32 -22.83 15.15
N PHE A 103 -5.73 -23.18 16.29
CA PHE A 103 -4.54 -22.51 16.80
C PHE A 103 -3.35 -23.45 16.75
N ASN A 104 -2.16 -22.89 16.57
CA ASN A 104 -0.94 -23.66 16.76
C ASN A 104 -0.52 -23.58 18.23
N GLY A 105 0.54 -24.34 18.57
CA GLY A 105 0.98 -24.44 19.94
C GLY A 105 1.43 -23.13 20.55
N ALA A 106 1.77 -22.15 19.71
CA ALA A 106 2.18 -20.83 20.15
C ALA A 106 1.00 -19.87 20.33
N GLY A 107 -0.22 -20.31 20.11
CA GLY A 107 -1.37 -19.46 20.32
C GLY A 107 -1.72 -18.56 19.18
N LYS A 108 -1.15 -18.79 18.01
CA LYS A 108 -1.52 -18.06 16.80
C LYS A 108 -2.56 -18.85 16.03
N VAL A 109 -3.43 -18.13 15.32
CA VAL A 109 -4.42 -18.78 14.48
C VAL A 109 -3.72 -19.27 13.21
N VAL A 110 -3.81 -20.58 12.96
CA VAL A 110 -3.23 -21.17 11.77
C VAL A 110 -4.28 -21.44 10.69
N SER A 111 -5.55 -21.56 11.08
N SER A 111 -5.57 -21.53 11.08
CA SER A 111 -6.60 -21.77 10.11
CA SER A 111 -6.61 -21.79 10.10
C SER A 111 -7.84 -21.04 10.58
C SER A 111 -7.92 -21.19 10.58
N MET A 112 -8.48 -20.37 9.64
N MET A 112 -8.49 -20.30 9.77
CA MET A 112 -9.76 -19.74 9.89
CA MET A 112 -9.81 -19.74 10.00
C MET A 112 -10.74 -20.16 8.80
C MET A 112 -10.74 -20.10 8.86
N ARG A 113 -11.97 -20.44 9.22
CA ARG A 113 -13.04 -20.75 8.27
C ARG A 113 -14.27 -19.97 8.71
N ALA A 114 -14.81 -19.17 7.80
CA ALA A 114 -15.99 -18.35 8.03
C ALA A 114 -17.14 -18.95 7.25
N LEU A 115 -18.28 -19.16 7.92
CA LEU A 115 -19.42 -19.80 7.29
C LEU A 115 -20.68 -18.99 7.52
N PHE A 116 -21.30 -18.56 6.43
CA PHE A 116 -22.65 -18.01 6.45
C PHE A 116 -23.23 -18.20 5.05
N GLY A 117 -24.56 -18.28 4.99
CA GLY A 117 -25.25 -18.46 3.73
C GLY A 117 -26.26 -17.34 3.50
N GLU A 118 -26.98 -17.46 2.38
CA GLU A 118 -27.96 -16.45 2.01
C GLU A 118 -28.95 -16.19 3.14
N LYS A 119 -29.35 -17.25 3.85
CA LYS A 119 -30.34 -17.11 4.91
C LYS A 119 -29.79 -16.41 6.14
N ASN A 120 -28.47 -16.20 6.21
CA ASN A 120 -27.86 -15.50 7.33
C ASN A 120 -27.58 -14.03 7.01
N ILE A 121 -28.17 -13.50 5.92
CA ILE A 121 -28.09 -12.08 5.56
C ILE A 121 -29.45 -11.48 5.89
N HIS A 122 -29.46 -10.41 6.69
CA HIS A 122 -30.71 -9.81 7.17
C HIS A 122 -30.69 -8.31 6.95
N ALA A 123 -31.86 -7.75 6.59
CA ALA A 123 -31.99 -6.30 6.57
C ALA A 123 -31.84 -5.73 7.98
N GLY A 124 -31.56 -4.42 8.03
CA GLY A 124 -31.43 -3.73 9.30
C GLY A 124 -32.76 -3.39 9.95
N ASN B 2 -8.54 27.34 13.71
CA ASN B 2 -7.90 26.39 14.62
C ASN B 2 -6.40 26.69 14.66
N THR B 3 -5.66 25.94 15.49
CA THR B 3 -4.31 26.36 15.83
C THR B 3 -3.26 25.56 15.06
N PRO B 4 -2.08 26.14 14.82
CA PRO B 4 -1.00 25.33 14.22
C PRO B 4 -0.61 24.12 15.07
N GLU B 5 -0.79 24.18 16.39
CA GLU B 5 -0.43 23.04 17.22
C GLU B 5 -1.40 21.88 17.00
N HIS B 6 -2.69 22.19 16.90
CA HIS B 6 -3.66 21.16 16.55
C HIS B 6 -3.37 20.55 15.18
N MET B 7 -3.09 21.40 14.18
CA MET B 7 -2.89 20.87 12.83
C MET B 7 -1.65 19.97 12.78
N THR B 8 -0.60 20.36 13.50
CA THR B 8 0.60 19.54 13.57
C THR B 8 0.34 18.22 14.29
N ALA B 9 -0.41 18.26 15.39
CA ALA B 9 -0.77 17.01 16.06
C ALA B 9 -1.63 16.14 15.15
N VAL B 10 -2.43 16.75 14.28
CA VAL B 10 -3.24 15.96 13.35
C VAL B 10 -2.34 15.28 12.32
N VAL B 11 -1.36 15.99 11.78
CA VAL B 11 -0.44 15.33 10.86
C VAL B 11 0.23 14.15 11.54
N GLN B 12 0.62 14.32 12.80
CA GLN B 12 1.32 13.24 13.51
C GLN B 12 0.39 12.05 13.71
N ARG B 13 -0.88 12.30 14.04
N ARG B 13 -0.89 12.30 14.03
CA ARG B 13 -1.83 11.20 14.19
CA ARG B 13 -1.82 11.19 14.21
C ARG B 13 -2.03 10.46 12.88
C ARG B 13 -2.06 10.46 12.89
N TYR B 14 -2.09 11.21 11.77
CA TYR B 14 -2.24 10.61 10.45
C TYR B 14 -1.07 9.69 10.13
N VAL B 15 0.15 10.16 10.36
CA VAL B 15 1.32 9.33 10.12
C VAL B 15 1.30 8.11 11.03
N ALA B 16 0.93 8.29 12.29
CA ALA B 16 0.91 7.17 13.22
C ALA B 16 -0.16 6.16 12.83
N ALA B 17 -1.30 6.64 12.33
CA ALA B 17 -2.39 5.73 11.98
C ALA B 17 -2.04 4.90 10.74
N LEU B 18 -1.37 5.51 9.76
CA LEU B 18 -0.87 4.75 8.61
C LEU B 18 0.11 3.70 9.06
N ASN B 19 1.06 4.08 9.91
N ASN B 19 1.04 4.09 9.93
CA ASN B 19 2.05 3.12 10.39
CA ASN B 19 2.07 3.16 10.41
C ASN B 19 1.39 1.96 11.12
C ASN B 19 1.45 2.00 11.19
N ALA B 20 0.31 2.22 11.84
CA ALA B 20 -0.33 1.16 12.63
C ALA B 20 -1.45 0.43 11.90
N GLY B 21 -1.70 0.71 10.63
CA GLY B 21 -2.85 0.11 9.96
C GLY B 21 -4.17 0.44 10.61
N ASP B 22 -4.31 1.66 11.12
CA ASP B 22 -5.43 2.09 11.94
C ASP B 22 -6.39 2.89 11.07
N LEU B 23 -7.28 2.15 10.39
CA LEU B 23 -8.18 2.78 9.44
C LEU B 23 -9.15 3.75 10.12
N ASP B 24 -9.79 3.32 11.21
CA ASP B 24 -10.70 4.23 11.93
C ASP B 24 -9.97 5.52 12.30
N GLY B 25 -8.71 5.38 12.72
CA GLY B 25 -7.94 6.54 13.12
C GLY B 25 -7.67 7.51 11.97
N ILE B 26 -7.41 6.97 10.78
CA ILE B 26 -7.19 7.86 9.64
C ILE B 26 -8.47 8.61 9.30
N VAL B 27 -9.58 7.89 9.16
CA VAL B 27 -10.81 8.49 8.68
C VAL B 27 -11.37 9.48 9.68
N ALA B 28 -11.13 9.28 10.98
CA ALA B 28 -11.66 10.21 11.97
C ALA B 28 -11.07 11.62 11.86
N LEU B 29 -9.93 11.76 11.19
CA LEU B 29 -9.32 13.07 11.01
C LEU B 29 -10.06 13.93 10.00
N PHE B 30 -10.95 13.34 9.21
CA PHE B 30 -11.52 14.00 8.06
C PHE B 30 -12.95 14.46 8.32
N ALA B 31 -13.30 15.61 7.78
CA ALA B 31 -14.67 16.08 7.81
C ALA B 31 -15.55 15.15 6.98
N ASP B 32 -16.85 15.19 7.28
CA ASP B 32 -17.78 14.28 6.62
C ASP B 32 -17.77 14.48 5.11
N ASP B 33 -17.63 15.74 4.67
CA ASP B 33 -17.66 16.14 3.27
C ASP B 33 -16.25 16.38 2.72
N ALA B 34 -15.24 15.81 3.36
CA ALA B 34 -13.86 16.06 2.96
C ALA B 34 -13.58 15.49 1.57
N THR B 35 -12.49 15.97 0.96
CA THR B 35 -12.01 15.42 -0.29
C THR B 35 -10.53 15.09 -0.16
N VAL B 36 -10.15 13.92 -0.69
CA VAL B 36 -8.75 13.53 -0.84
C VAL B 36 -8.44 13.48 -2.33
N TYR B 37 -7.39 14.17 -2.75
CA TYR B 37 -6.92 14.13 -4.13
C TYR B 37 -5.55 13.48 -4.19
N GLU B 38 -5.40 12.45 -5.01
N GLU B 38 -5.41 12.43 -5.00
CA GLU B 38 -4.13 11.79 -5.24
CA GLU B 38 -4.13 11.78 -5.24
C GLU B 38 -3.68 12.08 -6.67
C GLU B 38 -3.68 12.10 -6.67
N THR B 39 -2.55 12.78 -6.79
CA THR B 39 -2.08 13.19 -8.12
C THR B 39 -1.75 12.00 -9.01
N SER B 40 -1.23 10.92 -8.43
CA SER B 40 -0.73 9.80 -9.23
C SER B 40 -1.78 9.30 -10.22
N GLN B 41 -2.96 8.98 -9.73
CA GLN B 41 -4.03 8.49 -10.58
C GLN B 41 -5.02 9.57 -10.93
N ASP B 42 -4.76 10.81 -10.53
CA ASP B 42 -5.65 11.94 -10.78
C ASP B 42 -7.07 11.60 -10.31
N ARG B 43 -7.16 11.06 -9.11
CA ARG B 43 -8.43 10.60 -8.55
C ARG B 43 -8.80 11.46 -7.34
N THR B 44 -10.06 11.83 -7.26
CA THR B 44 -10.61 12.55 -6.10
C THR B 44 -11.61 11.66 -5.37
N TYR B 45 -11.45 11.54 -4.05
CA TYR B 45 -12.32 10.78 -3.18
C TYR B 45 -13.09 11.74 -2.29
N THR B 46 -14.41 11.76 -2.42
CA THR B 46 -15.25 12.71 -1.71
C THR B 46 -16.14 12.00 -0.69
N GLY B 47 -16.09 12.46 0.55
CA GLY B 47 -16.90 11.83 1.58
C GLY B 47 -16.13 10.74 2.30
N THR B 48 -16.46 10.57 3.58
CA THR B 48 -15.69 9.62 4.38
C THR B 48 -15.88 8.18 3.92
N ALA B 49 -16.99 7.85 3.25
CA ALA B 49 -17.12 6.50 2.71
C ALA B 49 -16.06 6.24 1.64
N ALA B 50 -15.97 7.16 0.67
CA ALA B 50 -14.97 7.02 -0.39
C ALA B 50 -13.55 7.11 0.18
N ILE B 51 -13.35 7.98 1.15
CA ILE B 51 -12.01 8.14 1.72
C ILE B 51 -11.61 6.88 2.47
N ARG B 52 -12.56 6.25 3.17
CA ARG B 52 -12.24 5.02 3.89
C ARG B 52 -11.81 3.94 2.91
N GLU B 53 -12.53 3.78 1.80
N GLU B 53 -12.53 3.79 1.79
CA GLU B 53 -12.18 2.76 0.82
CA GLU B 53 -12.19 2.76 0.82
C GLU B 53 -10.80 3.02 0.25
C GLU B 53 -10.82 3.01 0.20
N PHE B 54 -10.51 4.27 -0.09
CA PHE B 54 -9.17 4.62 -0.57
C PHE B 54 -8.10 4.18 0.42
N TYR B 55 -8.27 4.50 1.71
CA TYR B 55 -7.23 4.14 2.65
C TYR B 55 -7.21 2.63 2.93
N ALA B 56 -8.36 1.95 2.91
CA ALA B 56 -8.33 0.50 3.04
C ALA B 56 -7.46 -0.12 1.94
N ASN B 57 -7.67 0.33 0.70
CA ASN B 57 -6.87 -0.16 -0.43
C ASN B 57 -5.39 0.13 -0.22
N SER B 58 -5.09 1.35 0.25
CA SER B 58 -3.71 1.80 0.43
C SER B 58 -3.00 1.04 1.52
N LEU B 59 -3.74 0.34 2.39
CA LEU B 59 -3.15 -0.40 3.49
C LEU B 59 -2.97 -1.88 3.18
N LYS B 60 -3.19 -2.30 1.93
CA LYS B 60 -3.02 -3.72 1.60
C LYS B 60 -1.59 -4.19 1.87
N LEU B 61 -0.64 -3.34 1.65
CA LEU B 61 0.72 -3.66 2.07
C LEU B 61 1.05 -2.94 3.36
N PRO B 62 1.85 -3.54 4.25
CA PRO B 62 2.25 -2.80 5.46
C PRO B 62 3.17 -1.64 5.09
N LEU B 63 2.85 -0.46 5.61
CA LEU B 63 3.55 0.77 5.28
C LEU B 63 4.38 1.22 6.47
N ALA B 64 5.58 1.68 6.20
CA ALA B 64 6.42 2.34 7.19
C ALA B 64 6.44 3.82 6.80
N VAL B 65 5.82 4.67 7.63
CA VAL B 65 5.62 6.07 7.30
C VAL B 65 6.33 6.95 8.31
N GLU B 66 7.07 7.96 7.83
CA GLU B 66 7.72 8.85 8.77
C GLU B 66 7.83 10.26 8.21
N LEU B 67 7.58 11.23 9.09
CA LEU B 67 7.85 12.63 8.77
C LEU B 67 9.36 12.83 8.64
N THR B 68 9.77 13.49 7.58
CA THR B 68 11.20 13.71 7.37
C THR B 68 11.64 15.14 7.65
N GLN B 69 10.70 16.04 7.91
CA GLN B 69 11.02 17.37 8.39
C GLN B 69 9.86 17.88 9.23
N GLU B 70 10.08 19.04 9.86
CA GLU B 70 9.04 19.73 10.61
C GLU B 70 7.81 19.98 9.75
N VAL B 71 6.64 19.92 10.39
CA VAL B 71 5.40 20.30 9.73
C VAL B 71 5.37 21.80 9.54
N ARG B 72 4.83 22.25 8.41
CA ARG B 72 4.56 23.66 8.17
C ARG B 72 3.07 23.89 8.37
N ALA B 73 2.72 24.69 9.37
CA ALA B 73 1.32 24.89 9.75
C ALA B 73 1.07 26.37 10.00
N ASN B 74 0.03 26.91 9.37
CA ASN B 74 -0.34 28.30 9.59
C ASN B 74 -1.75 28.52 9.07
N ARG B 75 -2.48 29.39 9.76
CA ARG B 75 -3.88 29.72 9.43
C ARG B 75 -4.68 28.43 9.44
N ASN B 76 -5.24 27.98 8.32
CA ASN B 76 -6.04 26.76 8.28
C ASN B 76 -5.40 25.68 7.38
N GLU B 77 -4.06 25.71 7.28
CA GLU B 77 -3.34 24.86 6.35
C GLU B 77 -2.13 24.23 7.01
N ALA B 78 -1.78 23.01 6.60
CA ALA B 78 -0.54 22.35 6.99
C ALA B 78 -0.01 21.61 5.77
N ALA B 79 1.30 21.60 5.63
CA ALA B 79 1.99 20.82 4.60
C ALA B 79 3.14 20.10 5.28
N PHE B 80 3.45 18.91 4.77
CA PHE B 80 4.50 18.11 5.38
C PHE B 80 5.17 17.21 4.34
N ALA B 81 6.47 17.04 4.52
CA ALA B 81 7.30 16.11 3.77
C ALA B 81 7.44 14.82 4.56
N PHE B 82 7.33 13.68 3.88
CA PHE B 82 7.37 12.40 4.56
C PHE B 82 7.80 11.34 3.56
N THR B 83 8.02 10.13 4.07
CA THR B 83 8.26 8.96 3.25
C THR B 83 7.27 7.87 3.61
N VAL B 84 6.88 7.10 2.60
CA VAL B 84 6.12 5.86 2.74
C VAL B 84 6.99 4.75 2.17
N SER B 85 7.37 3.80 3.01
CA SER B 85 8.20 2.68 2.59
C SER B 85 7.40 1.39 2.64
N PHE B 86 7.65 0.53 1.66
CA PHE B 86 7.05 -0.80 1.65
C PHE B 86 7.94 -1.73 0.85
N GLU B 87 7.67 -3.02 1.02
CA GLU B 87 8.36 -4.07 0.31
C GLU B 87 7.34 -4.85 -0.49
N TYR B 88 7.66 -5.15 -1.74
CA TYR B 88 6.73 -5.91 -2.56
C TYR B 88 7.55 -6.78 -3.51
N GLN B 89 7.33 -8.09 -3.40
CA GLN B 89 8.02 -9.10 -4.20
C GLN B 89 9.53 -8.90 -4.08
N GLY B 90 10.00 -8.78 -2.84
CA GLY B 90 11.40 -8.70 -2.55
C GLY B 90 12.06 -7.40 -2.89
N ARG B 91 11.28 -6.37 -3.24
CA ARG B 91 11.80 -5.07 -3.65
C ARG B 91 11.32 -4.03 -2.66
N LYS B 92 12.26 -3.40 -1.96
N LYS B 92 12.28 -3.39 -1.99
CA LYS B 92 11.92 -2.32 -1.04
CA LYS B 92 11.98 -2.30 -1.07
C LYS B 92 11.83 -1.03 -1.84
C LYS B 92 11.85 -1.01 -1.86
N THR B 93 10.76 -0.28 -1.61
CA THR B 93 10.49 0.97 -2.32
C THR B 93 10.25 2.05 -1.29
N VAL B 94 10.77 3.25 -1.57
CA VAL B 94 10.52 4.42 -0.73
C VAL B 94 9.90 5.49 -1.61
N VAL B 95 8.71 5.93 -1.23
CA VAL B 95 8.01 7.02 -1.90
C VAL B 95 8.06 8.24 -0.98
N ALA B 96 8.33 9.40 -1.58
CA ALA B 96 8.58 10.64 -0.85
C ALA B 96 7.63 11.72 -1.34
N PRO B 97 6.44 11.82 -0.76
CA PRO B 97 5.49 12.85 -1.18
C PRO B 97 5.63 14.10 -0.33
N ILE B 98 4.88 15.12 -0.74
CA ILE B 98 4.51 16.24 0.13
C ILE B 98 3.00 16.30 0.13
N ASP B 99 2.40 16.29 1.32
CA ASP B 99 0.96 16.39 1.47
C ASP B 99 0.59 17.78 1.97
N HIS B 100 -0.60 18.25 1.57
N HIS B 100 -0.63 18.22 1.64
CA HIS B 100 -1.19 19.48 2.08
CA HIS B 100 -1.19 19.49 2.08
C HIS B 100 -2.56 19.15 2.67
C HIS B 100 -2.58 19.23 2.63
N PHE B 101 -2.82 19.66 3.87
CA PHE B 101 -4.14 19.57 4.50
C PHE B 101 -4.73 20.97 4.65
N ARG B 102 -6.01 21.13 4.29
CA ARG B 102 -6.76 22.32 4.66
C ARG B 102 -7.78 21.91 5.72
N PHE B 103 -7.86 22.71 6.79
CA PHE B 103 -8.73 22.41 7.92
C PHE B 103 -9.92 23.36 7.98
N ASN B 104 -11.00 22.87 8.58
CA ASN B 104 -12.19 23.66 8.85
C ASN B 104 -12.16 24.17 10.28
N GLY B 105 -13.14 25.02 10.61
CA GLY B 105 -13.18 25.62 11.93
C GLY B 105 -13.24 24.59 13.04
N ALA B 106 -13.79 23.42 12.75
CA ALA B 106 -13.87 22.35 13.73
C ALA B 106 -12.57 21.58 13.88
N GLY B 107 -11.53 21.90 13.11
CA GLY B 107 -10.28 21.19 13.25
C GLY B 107 -10.19 19.90 12.49
N LYS B 108 -11.11 19.66 11.56
CA LYS B 108 -11.11 18.47 10.73
C LYS B 108 -10.53 18.80 9.35
N VAL B 109 -9.84 17.83 8.78
CA VAL B 109 -9.31 17.99 7.43
C VAL B 109 -10.47 17.99 6.45
N VAL B 110 -10.62 19.08 5.70
CA VAL B 110 -11.68 19.15 4.69
C VAL B 110 -11.14 18.90 3.29
N SER B 111 -9.84 19.08 3.08
CA SER B 111 -9.24 18.84 1.77
C SER B 111 -7.81 18.37 1.95
N MET B 112 -7.49 17.20 1.42
N MET B 112 -7.51 17.23 1.34
CA MET B 112 -6.13 16.69 1.43
CA MET B 112 -6.19 16.63 1.36
C MET B 112 -5.65 16.52 0.00
C MET B 112 -5.67 16.57 -0.07
N ARG B 113 -4.40 16.91 -0.25
CA ARG B 113 -3.78 16.79 -1.57
C ARG B 113 -2.41 16.20 -1.37
N ALA B 114 -2.13 15.08 -2.05
CA ALA B 114 -0.86 14.39 -1.96
C ALA B 114 -0.13 14.52 -3.29
N LEU B 115 1.14 14.94 -3.24
CA LEU B 115 1.90 15.21 -4.45
C LEU B 115 3.19 14.41 -4.44
N PHE B 116 3.35 13.55 -5.44
CA PHE B 116 4.59 12.84 -5.68
C PHE B 116 4.54 12.39 -7.13
N GLY B 117 5.71 12.30 -7.74
CA GLY B 117 5.81 11.81 -9.10
C GLY B 117 6.77 10.64 -9.23
N GLU B 118 7.01 10.22 -10.47
CA GLU B 118 7.95 9.13 -10.73
C GLU B 118 9.31 9.42 -10.08
N LYS B 119 9.75 10.69 -10.08
CA LYS B 119 11.04 11.03 -9.52
C LYS B 119 11.08 10.90 -8.00
N ASN B 120 9.93 10.72 -7.35
CA ASN B 120 9.84 10.57 -5.91
C ASN B 120 9.65 9.11 -5.48
N ILE B 121 9.83 8.16 -6.39
CA ILE B 121 9.76 6.73 -6.09
C ILE B 121 11.17 6.17 -6.19
N HIS B 122 11.70 5.68 -5.07
CA HIS B 122 13.08 5.25 -5.01
C HIS B 122 13.17 3.80 -4.57
N ALA B 123 14.25 3.15 -4.98
CA ALA B 123 14.46 1.73 -4.70
C ALA B 123 15.90 1.39 -5.03
N GLY B 124 16.46 0.46 -4.26
CA GLY B 124 17.77 -0.09 -4.60
C GLY B 124 17.73 -0.98 -5.83
N ALA B 125 18.91 -1.34 -6.31
CA ALA B 125 19.04 -2.18 -7.51
C ALA B 125 18.17 -3.43 -7.41
N ASN C 2 18.57 -20.05 2.57
CA ASN C 2 18.38 -20.67 1.26
C ASN C 2 19.69 -21.19 0.66
N THR C 3 19.69 -22.48 0.32
CA THR C 3 20.86 -23.19 -0.17
C THR C 3 20.42 -24.00 -1.39
N PRO C 4 21.37 -24.43 -2.21
CA PRO C 4 20.99 -25.31 -3.34
C PRO C 4 20.33 -26.60 -2.89
N GLU C 5 20.75 -27.14 -1.74
CA GLU C 5 20.13 -28.36 -1.25
C GLU C 5 18.68 -28.11 -0.85
N HIS C 6 18.43 -26.96 -0.23
CA HIS C 6 17.06 -26.60 0.13
C HIS C 6 16.21 -26.40 -1.12
N MET C 7 16.73 -25.71 -2.14
CA MET C 7 15.96 -25.49 -3.35
C MET C 7 15.64 -26.83 -4.02
N THR C 8 16.62 -27.74 -4.07
CA THR C 8 16.40 -29.06 -4.66
C THR C 8 15.35 -29.85 -3.89
N ALA C 9 15.37 -29.76 -2.56
CA ALA C 9 14.36 -30.40 -1.74
C ALA C 9 12.98 -29.82 -1.99
N VAL C 10 12.90 -28.51 -2.22
CA VAL C 10 11.62 -27.90 -2.53
C VAL C 10 11.09 -28.40 -3.87
N VAL C 11 11.97 -28.57 -4.85
CA VAL C 11 11.52 -29.14 -6.13
C VAL C 11 10.98 -30.55 -5.92
N GLN C 12 11.66 -31.37 -5.13
CA GLN C 12 11.17 -32.72 -4.90
C GLN C 12 9.83 -32.69 -4.18
N ARG C 13 9.69 -31.78 -3.21
N ARG C 13 9.69 -31.78 -3.21
CA ARG C 13 8.41 -31.61 -2.52
CA ARG C 13 8.42 -31.61 -2.51
C ARG C 13 7.33 -31.19 -3.50
C ARG C 13 7.32 -31.17 -3.48
N TYR C 14 7.66 -30.29 -4.42
CA TYR C 14 6.70 -29.87 -5.42
C TYR C 14 6.25 -31.04 -6.29
N VAL C 15 7.20 -31.80 -6.82
CA VAL C 15 6.85 -32.96 -7.64
C VAL C 15 5.98 -33.93 -6.85
N ALA C 16 6.35 -34.19 -5.59
CA ALA C 16 5.57 -35.14 -4.80
C ALA C 16 4.16 -34.61 -4.54
N ALA C 17 4.02 -33.31 -4.28
CA ALA C 17 2.70 -32.75 -4.01
C ALA C 17 1.81 -32.84 -5.26
N LEU C 18 2.35 -32.50 -6.43
CA LEU C 18 1.59 -32.68 -7.66
C LEU C 18 1.20 -34.14 -7.84
N ASN C 19 2.16 -35.06 -7.63
N ASN C 19 2.14 -35.04 -7.58
CA ASN C 19 1.85 -36.48 -7.79
CA ASN C 19 1.90 -36.46 -7.79
C ASN C 19 0.69 -36.87 -6.90
C ASN C 19 0.84 -37.00 -6.84
N ALA C 20 0.74 -36.43 -5.65
CA ALA C 20 -0.29 -36.77 -4.68
C ALA C 20 -1.59 -35.97 -4.77
N GLY C 21 -1.62 -34.89 -5.53
CA GLY C 21 -2.77 -34.00 -5.51
C GLY C 21 -2.88 -33.18 -4.24
N ASP C 22 -1.74 -32.81 -3.65
CA ASP C 22 -1.68 -32.20 -2.32
C ASP C 22 -1.66 -30.69 -2.50
N LEU C 23 -2.85 -30.10 -2.59
CA LEU C 23 -2.94 -28.68 -2.94
C LEU C 23 -2.30 -27.82 -1.86
N ASP C 24 -2.61 -28.08 -0.59
CA ASP C 24 -2.02 -27.32 0.51
C ASP C 24 -0.49 -27.38 0.45
N GLY C 25 0.07 -28.56 0.16
CA GLY C 25 1.51 -28.70 0.12
C GLY C 25 2.17 -27.89 -0.98
N ILE C 26 1.49 -27.73 -2.12
CA ILE C 26 2.03 -26.88 -3.17
C ILE C 26 2.04 -25.42 -2.73
N VAL C 27 0.91 -24.92 -2.22
CA VAL C 27 0.81 -23.50 -1.92
C VAL C 27 1.80 -23.09 -0.84
N ALA C 28 2.08 -23.98 0.11
CA ALA C 28 2.98 -23.68 1.22
C ALA C 28 4.42 -23.46 0.78
N LEU C 29 4.76 -23.80 -0.46
CA LEU C 29 6.11 -23.56 -0.96
C LEU C 29 6.34 -22.11 -1.37
N PHE C 30 5.27 -21.33 -1.55
CA PHE C 30 5.36 -20.02 -2.17
C PHE C 30 5.48 -18.91 -1.15
N ALA C 31 6.16 -17.85 -1.55
CA ALA C 31 6.31 -16.66 -0.73
C ALA C 31 5.05 -15.80 -0.81
N ASP C 32 4.94 -14.86 0.11
CA ASP C 32 3.94 -13.80 0.00
C ASP C 32 4.06 -13.12 -1.37
N ASP C 33 2.92 -12.87 -2.01
CA ASP C 33 2.88 -12.16 -3.29
C ASP C 33 3.69 -12.87 -4.38
N ALA C 34 3.86 -14.19 -4.26
CA ALA C 34 4.56 -14.94 -5.29
C ALA C 34 3.80 -14.88 -6.61
N THR C 35 4.49 -15.21 -7.69
CA THR C 35 3.85 -15.32 -8.99
C THR C 35 4.06 -16.71 -9.57
N VAL C 36 3.04 -17.17 -10.29
CA VAL C 36 3.14 -18.34 -11.17
C VAL C 36 2.86 -17.86 -12.58
N TYR C 37 3.75 -18.20 -13.51
CA TYR C 37 3.55 -17.90 -14.93
C TYR C 37 3.46 -19.21 -15.70
N GLU C 38 2.45 -19.31 -16.58
N GLU C 38 2.44 -19.32 -16.56
CA GLU C 38 2.25 -20.46 -17.44
CA GLU C 38 2.27 -20.47 -17.44
C GLU C 38 2.26 -20.00 -18.89
C GLU C 38 2.29 -19.97 -18.88
N THR C 39 3.22 -20.48 -19.67
CA THR C 39 3.37 -20.01 -21.04
C THR C 39 2.18 -20.34 -21.93
N SER C 40 1.42 -21.37 -21.61
CA SER C 40 0.37 -21.83 -22.52
C SER C 40 -0.68 -20.75 -22.73
N GLN C 41 -1.26 -20.23 -21.65
CA GLN C 41 -2.20 -19.13 -21.75
C GLN C 41 -1.54 -17.78 -21.49
N ASP C 42 -0.23 -17.74 -21.24
CA ASP C 42 0.50 -16.48 -21.06
C ASP C 42 -0.11 -15.68 -19.91
N ARG C 43 -0.55 -16.39 -18.88
CA ARG C 43 -1.24 -15.84 -17.74
C ARG C 43 -0.33 -15.90 -16.53
N THR C 44 -0.29 -14.82 -15.77
CA THR C 44 0.43 -14.73 -14.51
C THR C 44 -0.56 -14.71 -13.35
N TYR C 45 -0.34 -15.60 -12.38
CA TYR C 45 -1.14 -15.66 -11.15
C TYR C 45 -0.30 -15.10 -10.02
N THR C 46 -0.84 -14.12 -9.30
CA THR C 46 -0.10 -13.41 -8.27
C THR C 46 -0.81 -13.55 -6.93
N GLY C 47 -0.08 -13.96 -5.91
CA GLY C 47 -0.66 -14.13 -4.58
C GLY C 47 -1.17 -15.54 -4.39
N THR C 48 -1.17 -15.98 -3.13
CA THR C 48 -1.48 -17.38 -2.85
C THR C 48 -2.94 -17.71 -3.12
N ALA C 49 -3.85 -16.74 -3.02
CA ALA C 49 -5.24 -17.03 -3.37
C ALA C 49 -5.35 -17.42 -4.85
N ALA C 50 -4.76 -16.61 -5.74
CA ALA C 50 -4.82 -16.94 -7.16
C ALA C 50 -4.00 -18.20 -7.46
N ILE C 51 -2.88 -18.39 -6.77
CA ILE C 51 -2.05 -19.54 -7.06
C ILE C 51 -2.76 -20.82 -6.67
N ARG C 52 -3.40 -20.84 -5.50
N ARG C 52 -3.43 -20.82 -5.51
CA ARG C 52 -4.14 -22.02 -5.09
CA ARG C 52 -4.15 -22.01 -5.07
C ARG C 52 -5.22 -22.37 -6.10
C ARG C 52 -5.26 -22.37 -6.05
N GLU C 53 -5.98 -21.37 -6.56
CA GLU C 53 -7.02 -21.62 -7.53
C GLU C 53 -6.43 -22.22 -8.80
N PHE C 54 -5.27 -21.71 -9.23
CA PHE C 54 -4.63 -22.22 -10.44
C PHE C 54 -4.27 -23.71 -10.28
N TYR C 55 -3.68 -24.08 -9.14
CA TYR C 55 -3.31 -25.48 -8.94
C TYR C 55 -4.54 -26.34 -8.70
N ALA C 56 -5.59 -25.78 -8.07
CA ALA C 56 -6.85 -26.51 -7.93
C ALA C 56 -7.42 -26.89 -9.29
N ASN C 57 -7.30 -26.01 -10.29
CA ASN C 57 -7.78 -26.38 -11.62
C ASN C 57 -6.80 -27.32 -12.31
N SER C 58 -5.51 -27.22 -12.02
CA SER C 58 -4.52 -28.11 -12.60
C SER C 58 -4.54 -29.51 -12.00
N LEU C 59 -5.21 -29.70 -10.87
CA LEU C 59 -5.26 -30.99 -10.19
C LEU C 59 -6.65 -31.61 -10.24
N LYS C 60 -7.46 -31.25 -11.24
CA LYS C 60 -8.75 -31.92 -11.40
C LYS C 60 -8.54 -33.41 -11.66
N LEU C 61 -7.57 -33.75 -12.55
CA LEU C 61 -7.24 -35.12 -12.86
C LEU C 61 -6.08 -35.61 -12.00
N PRO C 62 -6.05 -36.89 -11.64
CA PRO C 62 -4.83 -37.44 -11.04
C PRO C 62 -3.67 -37.32 -12.02
N LEU C 63 -2.53 -36.92 -11.50
CA LEU C 63 -1.34 -36.65 -12.28
C LEU C 63 -0.25 -37.61 -11.84
N ALA C 64 0.53 -38.09 -12.79
CA ALA C 64 1.79 -38.78 -12.51
C ALA C 64 2.90 -37.83 -12.95
N VAL C 65 3.75 -37.44 -11.99
CA VAL C 65 4.81 -36.47 -12.23
C VAL C 65 6.14 -37.11 -11.84
N GLU C 66 7.13 -37.00 -12.73
CA GLU C 66 8.46 -37.52 -12.49
C GLU C 66 9.51 -36.53 -12.96
N LEU C 67 10.50 -36.29 -12.11
CA LEU C 67 11.73 -35.65 -12.58
C LEU C 67 12.43 -36.55 -13.58
N THR C 68 12.89 -35.97 -14.68
CA THR C 68 13.59 -36.74 -15.70
C THR C 68 15.09 -36.48 -15.76
N GLN C 69 15.58 -35.52 -14.97
CA GLN C 69 17.01 -35.25 -14.89
C GLN C 69 17.29 -34.60 -13.53
N GLU C 70 18.57 -34.54 -13.19
CA GLU C 70 19.00 -33.83 -11.98
C GLU C 70 18.47 -32.40 -11.97
N VAL C 71 18.15 -31.91 -10.78
CA VAL C 71 17.80 -30.51 -10.60
C VAL C 71 19.04 -29.65 -10.78
N ARG C 72 18.86 -28.48 -11.39
CA ARG C 72 19.89 -27.46 -11.46
C ARG C 72 19.57 -26.37 -10.44
N ALA C 73 20.44 -26.18 -9.44
CA ALA C 73 20.19 -25.24 -8.35
C ALA C 73 21.45 -24.47 -7.98
N ASN C 74 21.36 -23.15 -7.96
CA ASN C 74 22.50 -22.31 -7.59
C ASN C 74 21.99 -20.93 -7.17
N ARG C 75 22.65 -20.35 -6.16
CA ARG C 75 22.29 -19.01 -5.68
C ARG C 75 20.83 -19.02 -5.24
N ASN C 76 19.96 -18.31 -5.92
CA ASN C 76 18.56 -18.28 -5.52
C ASN C 76 17.63 -18.78 -6.62
N GLU C 77 18.11 -19.66 -7.49
CA GLU C 77 17.22 -20.21 -8.51
C GLU C 77 17.45 -21.69 -8.71
N ALA C 78 16.42 -22.36 -9.22
CA ALA C 78 16.50 -23.76 -9.60
C ALA C 78 15.69 -23.96 -10.87
N ALA C 79 16.11 -24.91 -11.68
CA ALA C 79 15.40 -25.29 -12.90
C ALA C 79 15.37 -26.81 -12.97
N PHE C 80 14.33 -27.34 -13.60
CA PHE C 80 14.22 -28.80 -13.64
C PHE C 80 13.37 -29.23 -14.82
N ALA C 81 13.75 -30.38 -15.38
CA ALA C 81 13.03 -31.06 -16.45
C ALA C 81 12.23 -32.21 -15.84
N PHE C 82 11.00 -32.36 -16.29
CA PHE C 82 10.11 -33.37 -15.74
C PHE C 82 9.05 -33.70 -16.77
N THR C 83 8.22 -34.69 -16.43
CA THR C 83 7.05 -35.02 -17.23
C THR C 83 5.83 -35.04 -16.31
N VAL C 84 4.69 -34.66 -16.88
CA VAL C 84 3.39 -34.76 -16.23
C VAL C 84 2.48 -35.55 -17.16
N SER C 85 1.94 -36.66 -16.67
N SER C 85 1.97 -36.68 -16.69
CA SER C 85 1.05 -37.52 -17.44
CA SER C 85 1.03 -37.47 -17.50
C SER C 85 -0.34 -37.54 -16.81
C SER C 85 -0.33 -37.52 -16.83
N PHE C 86 -1.36 -37.49 -17.67
CA PHE C 86 -2.74 -37.59 -17.21
C PHE C 86 -3.50 -38.39 -18.26
N GLU C 87 -4.67 -38.85 -17.89
CA GLU C 87 -5.53 -39.57 -18.81
C GLU C 87 -6.83 -38.78 -18.95
N TYR C 88 -7.24 -38.54 -20.19
CA TYR C 88 -8.50 -37.90 -20.45
C TYR C 88 -9.21 -38.63 -21.57
N GLN C 89 -10.46 -39.03 -21.31
CA GLN C 89 -11.31 -39.71 -22.28
C GLN C 89 -10.57 -40.88 -22.91
N GLY C 90 -9.85 -41.63 -22.09
CA GLY C 90 -9.23 -42.86 -22.50
C GLY C 90 -7.93 -42.73 -23.23
N ARG C 91 -7.37 -41.52 -23.35
CA ARG C 91 -6.06 -41.34 -23.95
C ARG C 91 -5.12 -40.67 -22.95
N LYS C 92 -3.92 -41.20 -22.87
CA LYS C 92 -2.88 -40.61 -22.05
C LYS C 92 -2.18 -39.50 -22.82
N THR C 93 -1.92 -38.41 -22.12
CA THR C 93 -1.12 -37.30 -22.62
C THR C 93 0.02 -37.13 -21.64
N VAL C 94 1.21 -36.90 -22.18
CA VAL C 94 2.42 -36.73 -21.40
C VAL C 94 2.99 -35.39 -21.81
N VAL C 95 3.11 -34.45 -20.87
CA VAL C 95 3.69 -33.14 -21.14
C VAL C 95 5.06 -33.10 -20.50
N ALA C 96 6.03 -32.53 -21.23
CA ALA C 96 7.44 -32.49 -20.82
C ALA C 96 7.93 -31.05 -20.72
N PRO C 97 7.70 -30.40 -19.58
CA PRO C 97 8.15 -29.01 -19.43
C PRO C 97 9.54 -28.92 -18.81
N ILE C 98 10.08 -27.71 -18.84
CA ILE C 98 11.13 -27.27 -17.93
C ILE C 98 10.56 -26.16 -17.07
N ASP C 99 10.74 -26.26 -15.77
CA ASP C 99 10.28 -25.23 -14.85
C ASP C 99 11.47 -24.47 -14.27
N HIS C 100 11.21 -23.23 -13.88
N HIS C 100 11.23 -23.22 -13.90
CA HIS C 100 12.19 -22.36 -13.24
CA HIS C 100 12.24 -22.36 -13.27
C HIS C 100 11.58 -21.81 -11.96
C HIS C 100 11.62 -21.79 -11.99
N PHE C 101 12.31 -21.95 -10.86
CA PHE C 101 11.91 -21.40 -9.57
C PHE C 101 12.91 -20.31 -9.18
N ARG C 102 12.42 -19.18 -8.70
CA ARG C 102 13.26 -18.19 -8.01
C ARG C 102 12.84 -18.16 -6.55
N PHE C 103 13.83 -18.07 -5.66
CA PHE C 103 13.63 -18.16 -4.22
C PHE C 103 14.05 -16.86 -3.54
N ASN C 104 13.40 -16.57 -2.41
CA ASN C 104 13.91 -15.53 -1.52
C ASN C 104 14.87 -16.15 -0.51
N GLY C 105 15.48 -15.30 0.33
CA GLY C 105 16.45 -15.77 1.30
C GLY C 105 15.86 -16.63 2.41
N ALA C 106 14.55 -16.58 2.61
CA ALA C 106 13.87 -17.48 3.53
C ALA C 106 13.63 -18.86 2.93
N GLY C 107 13.95 -19.07 1.66
CA GLY C 107 13.75 -20.37 1.04
C GLY C 107 12.37 -20.59 0.46
N LYS C 108 11.60 -19.53 0.27
CA LYS C 108 10.27 -19.63 -0.31
C LYS C 108 10.34 -19.21 -1.78
N VAL C 109 9.48 -19.81 -2.58
CA VAL C 109 9.44 -19.58 -4.03
C VAL C 109 8.73 -18.27 -4.29
N VAL C 110 9.45 -17.31 -4.88
CA VAL C 110 8.85 -16.02 -5.18
C VAL C 110 8.30 -15.97 -6.60
N SER C 111 8.80 -16.82 -7.50
N SER C 111 8.80 -16.79 -7.51
CA SER C 111 8.35 -16.84 -8.88
CA SER C 111 8.32 -16.77 -8.89
C SER C 111 8.56 -18.24 -9.45
C SER C 111 8.57 -18.13 -9.52
N MET C 112 7.53 -18.75 -10.12
N MET C 112 7.53 -18.68 -10.13
CA MET C 112 7.58 -19.99 -10.87
CA MET C 112 7.61 -19.91 -10.89
C MET C 112 7.20 -19.69 -12.32
C MET C 112 7.22 -19.64 -12.34
N ARG C 113 7.94 -20.27 -13.26
CA ARG C 113 7.61 -20.22 -14.67
C ARG C 113 7.71 -21.63 -15.24
N ALA C 114 6.66 -22.06 -15.95
CA ALA C 114 6.61 -23.37 -16.60
C ALA C 114 6.71 -23.16 -18.10
N LEU C 115 7.61 -23.89 -18.77
CA LEU C 115 7.80 -23.72 -20.20
C LEU C 115 7.66 -25.07 -20.90
N PHE C 116 6.68 -25.15 -21.79
CA PHE C 116 6.55 -26.25 -22.72
C PHE C 116 5.76 -25.73 -23.90
N GLY C 117 6.01 -26.30 -25.06
CA GLY C 117 5.29 -25.96 -26.26
C GLY C 117 4.63 -27.19 -26.85
N GLU C 118 4.05 -27.03 -28.04
CA GLU C 118 3.31 -28.13 -28.66
C GLU C 118 4.19 -29.34 -28.91
N LYS C 119 5.48 -29.12 -29.24
CA LYS C 119 6.39 -30.23 -29.48
C LYS C 119 6.69 -31.02 -28.23
N ASN C 120 6.30 -30.52 -27.06
CA ASN C 120 6.56 -31.16 -25.79
C ASN C 120 5.32 -31.86 -25.24
N ILE C 121 4.26 -31.95 -26.03
CA ILE C 121 3.05 -32.68 -25.67
C ILE C 121 3.09 -33.99 -26.42
N HIS C 122 3.10 -35.10 -25.69
CA HIS C 122 3.34 -36.41 -26.28
C HIS C 122 2.20 -37.35 -25.95
N ALA C 123 2.08 -38.38 -26.78
CA ALA C 123 1.12 -39.44 -26.52
C ALA C 123 1.73 -40.48 -25.59
N GLY C 124 0.86 -41.21 -24.90
CA GLY C 124 1.29 -42.41 -24.23
C GLY C 124 1.71 -43.50 -25.20
N ALA C 125 2.40 -44.50 -24.67
CA ALA C 125 2.92 -45.60 -25.48
C ALA C 125 2.68 -46.93 -24.77
N GLY C 126 2.63 -48.00 -25.56
CA GLY C 126 2.51 -49.38 -25.09
C GLY C 126 1.10 -49.75 -24.57
N ASN D 2 4.50 20.53 -19.76
CA ASN D 2 4.99 20.53 -18.39
C ASN D 2 5.43 19.16 -17.93
N THR D 3 6.63 18.78 -18.34
CA THR D 3 7.19 17.58 -17.81
C THR D 3 7.55 17.81 -16.34
N PRO D 4 7.59 16.76 -15.54
CA PRO D 4 8.12 16.92 -14.18
C PRO D 4 9.55 17.40 -14.20
N GLU D 5 10.30 17.06 -15.25
CA GLU D 5 11.67 17.56 -15.38
C GLU D 5 11.68 19.07 -15.54
N HIS D 6 10.81 19.60 -16.40
CA HIS D 6 10.76 21.05 -16.57
C HIS D 6 10.39 21.74 -15.26
N MET D 7 9.36 21.22 -14.58
CA MET D 7 8.92 21.85 -13.34
C MET D 7 10.03 21.85 -12.30
N THR D 8 10.76 20.74 -12.21
CA THR D 8 11.91 20.65 -11.32
C THR D 8 12.97 21.68 -11.69
N ALA D 9 13.28 21.79 -12.98
CA ALA D 9 14.28 22.76 -13.42
C ALA D 9 13.85 24.19 -13.10
N VAL D 10 12.54 24.46 -13.16
CA VAL D 10 12.03 25.77 -12.76
C VAL D 10 12.25 26.00 -11.28
N VAL D 11 11.93 25.02 -10.44
CA VAL D 11 12.18 25.18 -9.00
C VAL D 11 13.65 25.43 -8.75
N GLN D 12 14.53 24.74 -9.47
CA GLN D 12 15.96 24.96 -9.28
C GLN D 12 16.35 26.38 -9.70
N ARG D 13 15.80 26.86 -10.81
CA ARG D 13 16.08 28.23 -11.23
C ARG D 13 15.54 29.24 -10.22
N TYR D 14 14.40 28.95 -9.60
CA TYR D 14 13.83 29.87 -8.62
C TYR D 14 14.73 30.01 -7.40
N VAL D 15 15.15 28.89 -6.83
CA VAL D 15 15.97 28.89 -5.63
C VAL D 15 17.33 29.54 -5.91
N ALA D 16 17.94 29.16 -7.03
CA ALA D 16 19.23 29.74 -7.40
C ALA D 16 19.11 31.25 -7.60
N ALA D 17 17.97 31.72 -8.12
CA ALA D 17 17.83 33.15 -8.38
C ALA D 17 17.65 33.91 -7.07
N LEU D 18 16.84 33.36 -6.17
CA LEU D 18 16.75 33.94 -4.83
C LEU D 18 18.11 33.93 -4.14
N ASN D 19 18.80 32.79 -4.18
CA ASN D 19 20.10 32.71 -3.52
C ASN D 19 21.07 33.72 -4.10
N ALA D 20 20.87 34.12 -5.35
CA ALA D 20 21.77 35.01 -6.05
C ALA D 20 21.29 36.45 -6.09
N GLY D 21 20.09 36.74 -5.61
CA GLY D 21 19.54 38.08 -5.76
C GLY D 21 19.28 38.45 -7.21
N ASP D 22 18.79 37.52 -8.00
CA ASP D 22 18.57 37.72 -9.43
C ASP D 22 17.09 37.98 -9.66
N LEU D 23 16.68 39.22 -9.40
CA LEU D 23 15.27 39.58 -9.46
C LEU D 23 14.67 39.23 -10.82
N ASP D 24 15.37 39.59 -11.90
CA ASP D 24 14.87 39.28 -13.25
C ASP D 24 14.65 37.80 -13.44
N GLY D 25 15.56 36.97 -12.91
CA GLY D 25 15.43 35.53 -13.11
C GLY D 25 14.26 34.95 -12.35
N ILE D 26 13.91 35.56 -11.21
CA ILE D 26 12.73 35.11 -10.48
C ILE D 26 11.48 35.43 -11.29
N VAL D 27 11.33 36.68 -11.71
CA VAL D 27 10.07 37.12 -12.30
C VAL D 27 9.82 36.40 -13.61
N ALA D 28 10.88 36.02 -14.33
CA ALA D 28 10.72 35.35 -15.61
C ALA D 28 10.02 34.00 -15.49
N LEU D 29 10.00 33.39 -14.30
CA LEU D 29 9.40 32.07 -14.14
C LEU D 29 7.88 32.11 -14.11
N PHE D 30 7.27 33.29 -13.98
CA PHE D 30 5.85 33.43 -13.73
C PHE D 30 5.08 33.83 -14.99
N ALA D 31 3.86 33.30 -15.11
CA ALA D 31 2.94 33.78 -16.12
C ALA D 31 2.58 35.24 -15.85
N ASP D 32 2.16 35.93 -16.92
CA ASP D 32 1.81 37.34 -16.79
C ASP D 32 0.72 37.55 -15.74
N ASP D 33 -0.27 36.64 -15.68
CA ASP D 33 -1.41 36.75 -14.77
C ASP D 33 -1.22 35.92 -13.51
N ALA D 34 0.03 35.64 -13.14
CA ALA D 34 0.29 34.75 -12.02
C ALA D 34 -0.13 35.39 -10.70
N THR D 35 -0.33 34.53 -9.70
CA THR D 35 -0.52 34.97 -8.33
C THR D 35 0.53 34.36 -7.41
N VAL D 36 0.94 35.13 -6.42
CA VAL D 36 1.81 34.66 -5.35
C VAL D 36 1.08 34.90 -4.03
N TYR D 37 0.97 33.84 -3.22
CA TYR D 37 0.33 33.94 -1.92
C TYR D 37 1.33 33.60 -0.82
N GLU D 38 1.47 34.50 0.14
CA GLU D 38 2.30 34.28 1.32
C GLU D 38 1.39 34.17 2.54
N THR D 39 1.45 33.03 3.23
CA THR D 39 0.51 32.80 4.32
C THR D 39 0.80 33.72 5.51
N SER D 40 2.06 34.17 5.65
CA SER D 40 2.43 34.95 6.82
C SER D 40 1.61 36.23 6.93
N GLN D 41 1.53 36.99 5.84
CA GLN D 41 0.75 38.21 5.79
C GLN D 41 -0.62 38.01 5.14
N ASP D 42 -0.94 36.78 4.73
CA ASP D 42 -2.23 36.47 4.12
C ASP D 42 -2.49 37.31 2.87
N ARG D 43 -1.43 37.65 2.15
CA ARG D 43 -1.50 38.55 1.02
C ARG D 43 -1.31 37.80 -0.29
N THR D 44 -2.05 38.22 -1.30
CA THR D 44 -1.95 37.67 -2.65
C THR D 44 -1.47 38.78 -3.58
N TYR D 45 -0.34 38.55 -4.23
CA TYR D 45 0.20 39.44 -5.26
C TYR D 45 -0.22 38.89 -6.61
N THR D 46 -0.89 39.69 -7.41
CA THR D 46 -1.39 39.25 -8.71
C THR D 46 -0.65 40.01 -9.80
N GLY D 47 -0.02 39.28 -10.71
CA GLY D 47 0.57 39.87 -11.90
C GLY D 47 2.02 40.27 -11.72
N THR D 48 2.68 40.46 -12.86
CA THR D 48 4.13 40.64 -12.90
C THR D 48 4.59 41.82 -12.04
N ALA D 49 3.95 42.98 -12.20
CA ALA D 49 4.40 44.17 -11.47
C ALA D 49 4.31 43.95 -9.96
N ALA D 50 3.20 43.41 -9.49
CA ALA D 50 3.07 43.13 -8.06
C ALA D 50 4.10 42.10 -7.62
N ILE D 51 4.34 41.07 -8.44
CA ILE D 51 5.26 40.01 -8.05
C ILE D 51 6.69 40.53 -7.98
N ARG D 52 7.11 41.30 -8.99
N ARG D 52 7.11 41.29 -8.99
CA ARG D 52 8.45 41.87 -8.96
CA ARG D 52 8.44 41.88 -8.97
C ARG D 52 8.66 42.72 -7.72
C ARG D 52 8.65 42.71 -7.70
N GLU D 53 7.67 43.54 -7.35
CA GLU D 53 7.81 44.37 -6.16
C GLU D 53 8.00 43.50 -4.92
N PHE D 54 7.25 42.39 -4.82
CA PHE D 54 7.39 41.53 -3.65
C PHE D 54 8.81 40.95 -3.55
N TYR D 55 9.32 40.43 -4.67
CA TYR D 55 10.67 39.87 -4.65
C TYR D 55 11.72 40.97 -4.54
N ALA D 56 11.46 42.16 -5.09
CA ALA D 56 12.40 43.27 -4.92
C ALA D 56 12.59 43.58 -3.44
N ASN D 57 11.50 43.69 -2.69
CA ASN D 57 11.62 44.03 -1.28
C ASN D 57 12.27 42.90 -0.49
N SER D 58 11.97 41.65 -0.82
CA SER D 58 12.57 40.53 -0.09
C SER D 58 14.08 40.49 -0.29
N LEU D 59 14.54 40.78 -1.50
CA LEU D 59 15.96 40.74 -1.83
C LEU D 59 16.73 41.97 -1.33
N LYS D 60 16.10 42.85 -0.57
CA LYS D 60 16.86 43.90 0.10
C LYS D 60 17.77 43.31 1.18
N LEU D 61 17.52 42.07 1.59
CA LEU D 61 18.37 41.29 2.47
C LEU D 61 19.17 40.27 1.66
N PRO D 62 20.37 39.91 2.10
CA PRO D 62 21.13 38.88 1.38
C PRO D 62 20.66 37.49 1.75
N LEU D 63 19.82 36.90 0.91
CA LEU D 63 19.20 35.62 1.21
C LEU D 63 20.07 34.48 0.71
N ALA D 64 20.36 33.53 1.60
CA ALA D 64 20.97 32.25 1.26
C ALA D 64 19.86 31.21 1.25
N VAL D 65 19.60 30.64 0.08
CA VAL D 65 18.41 29.83 -0.17
C VAL D 65 18.88 28.48 -0.70
N GLU D 66 18.33 27.40 -0.17
CA GLU D 66 18.73 26.08 -0.63
C GLU D 66 17.61 25.07 -0.43
N LEU D 67 17.47 24.22 -1.44
CA LEU D 67 16.57 23.07 -1.34
C LEU D 67 17.11 22.10 -0.31
N THR D 68 16.22 21.58 0.52
CA THR D 68 16.60 20.65 1.55
C THR D 68 16.10 19.24 1.28
N GLN D 69 15.34 19.02 0.21
CA GLN D 69 14.91 17.70 -0.23
C GLN D 69 14.64 17.73 -1.73
N GLU D 70 14.42 16.53 -2.29
CA GLU D 70 14.02 16.42 -3.70
C GLU D 70 12.76 17.22 -3.97
N VAL D 71 12.64 17.73 -5.21
CA VAL D 71 11.40 18.39 -5.61
C VAL D 71 10.34 17.33 -5.89
N ARG D 72 9.12 17.58 -5.42
CA ARG D 72 7.98 16.78 -5.82
C ARG D 72 7.36 17.44 -7.05
N ALA D 73 7.08 16.65 -8.08
CA ALA D 73 6.61 17.18 -9.36
C ALA D 73 5.78 16.12 -10.07
N ASN D 74 4.52 16.45 -10.39
CA ASN D 74 3.63 15.58 -11.14
C ASN D 74 2.49 16.41 -11.69
N ARG D 75 2.01 16.01 -12.88
N ARG D 75 2.04 16.12 -12.89
CA ARG D 75 0.91 16.65 -13.60
CA ARG D 75 0.81 16.72 -13.43
C ARG D 75 1.34 18.05 -14.01
C ARG D 75 0.68 18.21 -13.13
N ASN D 76 0.75 19.06 -13.39
N ASN D 76 1.59 19.01 -13.68
CA ASN D 76 1.18 20.44 -13.59
CA ASN D 76 1.48 20.46 -13.68
C ASN D 76 1.47 21.10 -12.25
C ASN D 76 1.54 21.08 -12.29
N GLU D 77 1.93 20.32 -11.27
CA GLU D 77 2.23 20.85 -9.95
C GLU D 77 3.63 20.45 -9.49
N ALA D 78 4.26 21.33 -8.72
CA ALA D 78 5.48 20.98 -7.99
C ALA D 78 5.40 21.54 -6.57
N ALA D 79 6.06 20.86 -5.64
CA ALA D 79 6.18 21.33 -4.28
C ALA D 79 7.59 21.05 -3.79
N PHE D 80 8.08 21.90 -2.88
CA PHE D 80 9.46 21.74 -2.46
C PHE D 80 9.65 22.28 -1.05
N ALA D 81 10.57 21.64 -0.33
CA ALA D 81 11.00 22.07 0.98
C ALA D 81 12.35 22.75 0.83
N PHE D 82 12.54 23.85 1.54
CA PHE D 82 13.76 24.63 1.39
C PHE D 82 13.93 25.49 2.62
N THR D 83 15.09 26.13 2.72
CA THR D 83 15.32 27.12 3.74
C THR D 83 15.77 28.44 3.12
N VAL D 84 15.42 29.52 3.79
CA VAL D 84 15.88 30.87 3.49
C VAL D 84 16.57 31.39 4.75
N SER D 85 17.85 31.74 4.62
CA SER D 85 18.62 32.28 5.73
C SER D 85 19.04 33.71 5.43
N PHE D 86 19.14 34.52 6.48
CA PHE D 86 19.68 35.86 6.34
C PHE D 86 20.23 36.28 7.68
N GLU D 87 21.18 37.20 7.64
CA GLU D 87 21.80 37.77 8.81
C GLU D 87 21.55 39.27 8.79
N TYR D 88 21.28 39.83 9.96
CA TYR D 88 21.05 41.26 10.08
C TYR D 88 21.70 41.72 11.38
N GLN D 89 22.64 42.65 11.27
CA GLN D 89 23.40 43.14 12.42
C GLN D 89 23.89 41.98 13.28
N GLY D 90 24.37 40.92 12.62
CA GLY D 90 24.98 39.80 13.30
C GLY D 90 24.03 38.75 13.82
N ARG D 91 22.74 38.87 13.54
CA ARG D 91 21.73 37.95 14.03
C ARG D 91 21.19 37.16 12.85
N LYS D 92 21.36 35.85 12.90
CA LYS D 92 20.92 34.99 11.81
C LYS D 92 19.52 34.50 12.07
N THR D 93 18.71 34.47 11.02
CA THR D 93 17.38 33.90 11.04
C THR D 93 17.30 32.88 9.92
N VAL D 94 16.61 31.78 10.17
CA VAL D 94 16.34 30.75 9.18
C VAL D 94 14.84 30.51 9.13
N VAL D 95 14.27 30.58 7.93
CA VAL D 95 12.87 30.28 7.69
C VAL D 95 12.83 29.04 6.79
N ALA D 96 11.92 28.11 7.09
CA ALA D 96 11.87 26.82 6.40
C ALA D 96 10.47 26.61 5.85
N PRO D 97 10.17 27.12 4.66
CA PRO D 97 8.83 26.95 4.10
C PRO D 97 8.70 25.66 3.30
N ILE D 98 7.46 25.35 2.95
CA ILE D 98 7.12 24.50 1.81
C ILE D 98 6.36 25.38 0.83
N ASP D 99 6.81 25.39 -0.42
CA ASP D 99 6.15 26.11 -1.49
C ASP D 99 5.46 25.13 -2.43
N HIS D 100 4.34 25.58 -3.01
N HIS D 100 4.32 25.56 -2.98
CA HIS D 100 3.61 24.84 -4.01
CA HIS D 100 3.60 24.83 -4.01
C HIS D 100 3.47 25.71 -5.26
C HIS D 100 3.51 25.72 -5.25
N PHE D 101 3.89 25.17 -6.40
CA PHE D 101 3.79 25.83 -7.70
C PHE D 101 2.74 25.10 -8.53
N ARG D 102 1.85 25.84 -9.18
N ARG D 102 1.86 25.85 -9.19
CA ARG D 102 0.97 25.30 -10.20
CA ARG D 102 0.97 25.32 -10.20
C ARG D 102 1.36 25.90 -11.54
C ARG D 102 1.37 25.92 -11.55
N PHE D 103 1.55 25.06 -12.55
CA PHE D 103 2.05 25.48 -13.85
C PHE D 103 0.91 25.49 -14.86
N ASN D 104 1.04 26.36 -15.86
CA ASN D 104 0.12 26.38 -16.98
C ASN D 104 0.75 25.64 -18.17
N GLY D 105 0.02 25.61 -19.28
CA GLY D 105 0.43 24.87 -20.45
C GLY D 105 1.62 25.45 -21.20
N ALA D 106 2.06 26.66 -20.84
CA ALA D 106 3.26 27.23 -21.44
C ALA D 106 4.50 26.97 -20.59
N GLY D 107 4.37 26.21 -19.50
CA GLY D 107 5.48 25.93 -18.62
C GLY D 107 5.75 27.00 -17.59
N LYS D 108 4.85 27.96 -17.42
CA LYS D 108 5.05 29.08 -16.51
C LYS D 108 4.27 28.86 -15.21
N VAL D 109 4.81 29.40 -14.12
CA VAL D 109 4.15 29.30 -12.82
C VAL D 109 2.97 30.27 -12.83
N VAL D 110 1.78 29.74 -12.69
CA VAL D 110 0.59 30.58 -12.67
C VAL D 110 0.09 30.82 -11.25
N SER D 111 0.48 29.98 -10.30
CA SER D 111 0.04 30.11 -8.92
C SER D 111 1.13 29.56 -8.02
N MET D 112 1.56 30.38 -7.07
N MET D 112 1.57 30.37 -7.07
CA MET D 112 2.50 29.96 -6.05
CA MET D 112 2.53 29.97 -6.04
C MET D 112 1.88 30.20 -4.67
C MET D 112 1.90 30.21 -4.68
N ARG D 113 2.08 29.25 -3.77
CA ARG D 113 1.66 29.38 -2.38
C ARG D 113 2.82 29.01 -1.48
N ALA D 114 3.18 29.93 -0.58
CA ALA D 114 4.24 29.72 0.39
C ALA D 114 3.63 29.47 1.76
N LEU D 115 4.04 28.39 2.40
CA LEU D 115 3.48 28.01 3.69
C LEU D 115 4.61 27.86 4.70
N PHE D 116 4.54 28.64 5.76
CA PHE D 116 5.39 28.43 6.91
C PHE D 116 4.70 29.08 8.09
N GLY D 117 4.93 28.54 9.28
CA GLY D 117 4.40 29.10 10.50
C GLY D 117 5.51 29.56 11.44
N GLU D 118 5.07 30.07 12.59
CA GLU D 118 6.03 30.55 13.58
C GLU D 118 7.01 29.45 14.00
N LYS D 119 6.53 28.20 14.05
CA LYS D 119 7.40 27.08 14.36
C LYS D 119 8.45 26.84 13.27
N ASN D 120 8.29 27.44 12.10
CA ASN D 120 9.23 27.27 11.00
C ASN D 120 10.16 28.45 10.82
N ILE D 121 10.11 29.40 11.75
CA ILE D 121 11.03 30.54 11.78
C ILE D 121 11.97 30.31 12.95
N HIS D 122 13.25 30.15 12.67
CA HIS D 122 14.24 29.83 13.70
C HIS D 122 15.17 31.03 13.82
N ALA D 123 15.05 31.74 14.94
CA ALA D 123 15.75 33.00 15.14
C ALA D 123 16.45 33.02 16.50
#